data_6AXZ
# 
_entry.id   6AXZ 
# 
_audit_conform.dict_name       mmcif_pdbx.dic 
_audit_conform.dict_version    5.387 
_audit_conform.dict_location   http://mmcif.pdb.org/dictionaries/ascii/mmcif_pdbx.dic 
# 
loop_
_database_2.database_id 
_database_2.database_code 
_database_2.pdbx_database_accession 
_database_2.pdbx_DOI 
PDB   6AXZ         pdb_00006axz 10.2210/pdb6axz/pdb 
WWPDB D_1000229892 ?            ?                   
EMDB  EMD-7017     ?            ?                   
# 
loop_
_pdbx_audit_revision_history.ordinal 
_pdbx_audit_revision_history.data_content_type 
_pdbx_audit_revision_history.major_revision 
_pdbx_audit_revision_history.minor_revision 
_pdbx_audit_revision_history.revision_date 
1 'Structure model' 1 0 2018-01-17 
2 'Structure model' 1 1 2018-01-31 
3 'Structure model' 1 2 2018-02-21 
4 'Structure model' 1 3 2024-03-13 
# 
_pdbx_audit_revision_details.ordinal             1 
_pdbx_audit_revision_details.revision_ordinal    1 
_pdbx_audit_revision_details.data_content_type   'Structure model' 
_pdbx_audit_revision_details.provider            repository 
_pdbx_audit_revision_details.type                'Initial release' 
_pdbx_audit_revision_details.description         ? 
_pdbx_audit_revision_details.details             ? 
# 
loop_
_pdbx_audit_revision_group.ordinal 
_pdbx_audit_revision_group.revision_ordinal 
_pdbx_audit_revision_group.data_content_type 
_pdbx_audit_revision_group.group 
1 2 'Structure model' 'Database references' 
2 3 'Structure model' 'Database references' 
3 4 'Structure model' 'Data collection'     
4 4 'Structure model' 'Database references' 
# 
loop_
_pdbx_audit_revision_category.ordinal 
_pdbx_audit_revision_category.revision_ordinal 
_pdbx_audit_revision_category.data_content_type 
_pdbx_audit_revision_category.category 
1 2 'Structure model' citation                    
2 2 'Structure model' citation_author             
3 3 'Structure model' citation                    
4 4 'Structure model' chem_comp_atom              
5 4 'Structure model' chem_comp_bond              
6 4 'Structure model' database_2                  
7 4 'Structure model' diffrn_radiation_wavelength 
# 
loop_
_pdbx_audit_revision_item.ordinal 
_pdbx_audit_revision_item.revision_ordinal 
_pdbx_audit_revision_item.data_content_type 
_pdbx_audit_revision_item.item 
1  2 'Structure model' '_citation.journal_abbrev'                
2  2 'Structure model' '_citation.pdbx_database_id_PubMed'       
3  2 'Structure model' '_citation.title'                         
4  2 'Structure model' '_citation_author.name'                   
5  3 'Structure model' '_citation.journal_volume'                
6  3 'Structure model' '_citation.page_first'                    
7  3 'Structure model' '_citation.page_last'                     
8  4 'Structure model' '_database_2.pdbx_DOI'                    
9  4 'Structure model' '_database_2.pdbx_database_accession'     
10 4 'Structure model' '_diffrn_radiation_wavelength.wavelength' 
# 
_pdbx_database_status.status_code                     REL 
_pdbx_database_status.status_code_sf                  REL 
_pdbx_database_status.status_code_mr                  ? 
_pdbx_database_status.entry_id                        6AXZ 
_pdbx_database_status.recvd_initial_deposition_date   2017-09-07 
_pdbx_database_status.SG_entry                        N 
_pdbx_database_status.deposit_site                    RCSB 
_pdbx_database_status.process_site                    RCSB 
_pdbx_database_status.status_code_cs                  ? 
_pdbx_database_status.methods_development_category    ? 
_pdbx_database_status.pdb_format_compatible           Y 
_pdbx_database_status.status_code_nmr_data            ? 
# 
_pdbx_database_related.db_name        EMDB 
_pdbx_database_related.details        'Segment from bank vole prion protein 168-176 QYNNQNNFV' 
_pdbx_database_related.db_id          EMD-7017 
_pdbx_database_related.content_type   'associated EM volume' 
# 
loop_
_audit_author.name 
_audit_author.pdbx_ordinal 
_audit_author.identifier_ORCID 
'Glynn, C.'           1 ? 
'Rodriguez, J.A.'     2 ? 
'Boyer, D.R.'         3 ? 
'Gallagher-Jones, M.' 4 ? 
# 
_citation.abstract                  ? 
_citation.abstract_id_CAS           ? 
_citation.book_id_ISBN              ? 
_citation.book_publisher            ? 
_citation.book_publisher_city       ? 
_citation.book_title                ? 
_citation.coordinate_linkage        ? 
_citation.country                   US 
_citation.database_id_Medline       ? 
_citation.details                   ? 
_citation.id                        primary 
_citation.journal_abbrev            'Nat. Struct. Mol. Biol.' 
_citation.journal_id_ASTM           ? 
_citation.journal_id_CSD            ? 
_citation.journal_id_ISSN           1545-9985 
_citation.journal_full              ? 
_citation.journal_issue             ? 
_citation.journal_volume            25 
_citation.language                  ? 
_citation.page_first                131 
_citation.page_last                 134 
_citation.title                     'Sub-angstrom cryo-EM structure of a prion protofibril reveals a polar clasp.' 
_citation.year                      2018 
_citation.database_id_CSD           ? 
_citation.pdbx_database_id_DOI      10.1038/s41594-017-0018-0 
_citation.pdbx_database_id_PubMed   29335561 
_citation.unpublished_flag          ? 
# 
loop_
_citation_author.citation_id 
_citation_author.name 
_citation_author.ordinal 
_citation_author.identifier_ORCID 
primary 'Gallagher-Jones, M.' 1  ? 
primary 'Glynn, C.'           2  ? 
primary 'Boyer, D.R.'         3  ? 
primary 'Martynowycz, M.W.'   4  ? 
primary 'Hernandez, E.'       5  ? 
primary 'Miao, J.'            6  ? 
primary 'Zee, C.T.'           7  ? 
primary 'Novikova, I.V.'      8  ? 
primary 'Goldschmidt, L.'     9  ? 
primary 'McFarlane, H.T.'     10 ? 
primary 'Helguera, G.F.'      11 ? 
primary 'Evans, J.E.'         12 ? 
primary 'Sawaya, M.R.'        13 ? 
primary 'Cascio, D.'          14 ? 
primary 'Eisenberg, D.S.'     15 ? 
primary 'Gonen, T.'           16 ? 
primary 'Rodriguez, J.A.'     17 ? 
# 
loop_
_entity.id 
_entity.type 
_entity.src_method 
_entity.pdbx_description 
_entity.formula_weight 
_entity.pdbx_number_of_molecules 
_entity.pdbx_ec 
_entity.pdbx_mutation 
_entity.pdbx_fragment 
_entity.details 
1 polymer syn 'Major prion protein' 1140.162 1 ? ? 'UNP residues 168-176' ? 
2 water   nat water                 18.015   2 ? ? ?                      ? 
# 
_entity_poly.entity_id                      1 
_entity_poly.type                           'polypeptide(L)' 
_entity_poly.nstd_linkage                   no 
_entity_poly.nstd_monomer                   no 
_entity_poly.pdbx_seq_one_letter_code       QYNNQNNFV 
_entity_poly.pdbx_seq_one_letter_code_can   QYNNQNNFV 
_entity_poly.pdbx_strand_id                 A 
_entity_poly.pdbx_target_identifier         ? 
# 
_pdbx_entity_nonpoly.entity_id   2 
_pdbx_entity_nonpoly.name        water 
_pdbx_entity_nonpoly.comp_id     HOH 
# 
loop_
_entity_poly_seq.entity_id 
_entity_poly_seq.num 
_entity_poly_seq.mon_id 
_entity_poly_seq.hetero 
1 1 GLN n 
1 2 TYR n 
1 3 ASN n 
1 4 ASN n 
1 5 GLN n 
1 6 ASN n 
1 7 ASN n 
1 8 PHE n 
1 9 VAL n 
# 
_pdbx_entity_src_syn.entity_id              1 
_pdbx_entity_src_syn.pdbx_src_id            1 
_pdbx_entity_src_syn.pdbx_alt_source_flag   sample 
_pdbx_entity_src_syn.pdbx_beg_seq_num       1 
_pdbx_entity_src_syn.pdbx_end_seq_num       9 
_pdbx_entity_src_syn.organism_scientific    'Myodes glareolus' 
_pdbx_entity_src_syn.organism_common_name   'Bank vole' 
_pdbx_entity_src_syn.ncbi_taxonomy_id       447135 
_pdbx_entity_src_syn.details                ? 
# 
loop_
_chem_comp.id 
_chem_comp.type 
_chem_comp.mon_nstd_flag 
_chem_comp.name 
_chem_comp.pdbx_synonyms 
_chem_comp.formula 
_chem_comp.formula_weight 
ASN 'L-peptide linking' y ASPARAGINE    ? 'C4 H8 N2 O3'  132.118 
GLN 'L-peptide linking' y GLUTAMINE     ? 'C5 H10 N2 O3' 146.144 
HOH non-polymer         . WATER         ? 'H2 O'         18.015  
PHE 'L-peptide linking' y PHENYLALANINE ? 'C9 H11 N O2'  165.189 
TYR 'L-peptide linking' y TYROSINE      ? 'C9 H11 N O3'  181.189 
VAL 'L-peptide linking' y VALINE        ? 'C5 H11 N O2'  117.146 
# 
loop_
_pdbx_poly_seq_scheme.asym_id 
_pdbx_poly_seq_scheme.entity_id 
_pdbx_poly_seq_scheme.seq_id 
_pdbx_poly_seq_scheme.mon_id 
_pdbx_poly_seq_scheme.ndb_seq_num 
_pdbx_poly_seq_scheme.pdb_seq_num 
_pdbx_poly_seq_scheme.auth_seq_num 
_pdbx_poly_seq_scheme.pdb_mon_id 
_pdbx_poly_seq_scheme.auth_mon_id 
_pdbx_poly_seq_scheme.pdb_strand_id 
_pdbx_poly_seq_scheme.pdb_ins_code 
_pdbx_poly_seq_scheme.hetero 
A 1 1 GLN 1 168 168 GLN GLN A . n 
A 1 2 TYR 2 169 169 TYR TYR A . n 
A 1 3 ASN 3 170 170 ASN ASN A . n 
A 1 4 ASN 4 171 171 ASN ASN A . n 
A 1 5 GLN 5 172 172 GLN GLN A . n 
A 1 6 ASN 6 173 173 ASN ASN A . n 
A 1 7 ASN 7 174 174 ASN ASN A . n 
A 1 8 PHE 8 175 175 PHE PHE A . n 
A 1 9 VAL 9 176 176 VAL VAL A . n 
# 
loop_
_pdbx_nonpoly_scheme.asym_id 
_pdbx_nonpoly_scheme.entity_id 
_pdbx_nonpoly_scheme.mon_id 
_pdbx_nonpoly_scheme.ndb_seq_num 
_pdbx_nonpoly_scheme.pdb_seq_num 
_pdbx_nonpoly_scheme.auth_seq_num 
_pdbx_nonpoly_scheme.pdb_mon_id 
_pdbx_nonpoly_scheme.auth_mon_id 
_pdbx_nonpoly_scheme.pdb_strand_id 
_pdbx_nonpoly_scheme.pdb_ins_code 
B 2 HOH 1 201 2 HOH HOH A . 
B 2 HOH 2 202 1 HOH HOH A . 
# 
loop_
_software.citation_id 
_software.classification 
_software.compiler_name 
_software.compiler_version 
_software.contact_author 
_software.contact_author_email 
_software.date 
_software.description 
_software.dependencies 
_software.hardware 
_software.language 
_software.location 
_software.mods 
_software.name 
_software.os 
_software.os_version 
_software.type 
_software.version 
_software.pdbx_ordinal 
? refinement        ? ? ? ? ? ? ? ? ? ? ? PHENIX      ? ? ? .    1 
? 'data scaling'    ? ? ? ? ? ? ? ? ? ? ? XSCALE      ? ? ? .    2 
? 'data extraction' ? ? ? ? ? ? ? ? ? ? ? PDB_EXTRACT ? ? ? 3.22 3 
# 
_cell.length_a           4.940 
_cell.length_b           10.340 
_cell.length_c           31.150 
_cell.angle_alpha        94.210 
_cell.angle_beta         92.380 
_cell.angle_gamma        102.200 
_cell.entry_id           6AXZ 
_cell.Z_PDB              1 
_cell.pdbx_unique_axis   ? 
# 
_symmetry.space_group_name_H-M             'P 1' 
_symmetry.entry_id                         6AXZ 
_symmetry.Int_Tables_number                1 
_symmetry.pdbx_full_space_group_name_H-M   ? 
_symmetry.cell_setting                     ? 
# 
_exptl.absorpt_coefficient_mu     ? 
_exptl.absorpt_correction_T_max   ? 
_exptl.absorpt_correction_T_min   ? 
_exptl.absorpt_correction_type    ? 
_exptl.absorpt_process_details    ? 
_exptl.entry_id                   6AXZ 
_exptl.crystals_number            1 
_exptl.details                    ? 
_exptl.method                     'ELECTRON CRYSTALLOGRAPHY' 
_exptl.method_details             ? 
# 
_exptl_crystal.colour                      ? 
_exptl_crystal.density_diffrn              ? 
_exptl_crystal.density_Matthews            ? 
_exptl_crystal.density_method              ? 
_exptl_crystal.density_percent_sol         ? 
_exptl_crystal.description                 ? 
_exptl_crystal.F_000                       ? 
_exptl_crystal.id                          1 
_exptl_crystal.preparation                 ? 
_exptl_crystal.size_max                    ? 
_exptl_crystal.size_mid                    ? 
_exptl_crystal.size_min                    ? 
_exptl_crystal.size_rad                    ? 
_exptl_crystal.colour_lustre               ? 
_exptl_crystal.colour_modifier             ? 
_exptl_crystal.colour_primary              ? 
_exptl_crystal.density_meas                ? 
_exptl_crystal.density_meas_esd            ? 
_exptl_crystal.density_meas_gt             ? 
_exptl_crystal.density_meas_lt             ? 
_exptl_crystal.density_meas_temp           ? 
_exptl_crystal.density_meas_temp_esd       ? 
_exptl_crystal.density_meas_temp_gt        ? 
_exptl_crystal.density_meas_temp_lt        ? 
_exptl_crystal.pdbx_crystal_image_url      ? 
_exptl_crystal.pdbx_crystal_image_format   ? 
_exptl_crystal.pdbx_mosaicity              ? 
_exptl_crystal.pdbx_mosaicity_esd          ? 
# 
_exptl_crystal_grow.apparatus       ? 
_exptl_crystal_grow.atmosphere      ? 
_exptl_crystal_grow.crystal_id      1 
_exptl_crystal_grow.details         ? 
_exptl_crystal_grow.method          'BATCH MODE' 
_exptl_crystal_grow.method_ref      ? 
_exptl_crystal_grow.pH              6.0 
_exptl_crystal_grow.pressure        ? 
_exptl_crystal_grow.pressure_esd    ? 
_exptl_crystal_grow.seeding         ? 
_exptl_crystal_grow.seeding_ref     ? 
_exptl_crystal_grow.temp            298 
_exptl_crystal_grow.temp_details    ? 
_exptl_crystal_grow.temp_esd        ? 
_exptl_crystal_grow.time            ? 
_exptl_crystal_grow.pdbx_details    '10% MPD, 0.1 M MES, pH 6.0' 
_exptl_crystal_grow.pdbx_pH_range   ? 
# 
_diffrn.ambient_environment    ? 
_diffrn.ambient_temp           100 
_diffrn.ambient_temp_details   ? 
_diffrn.ambient_temp_esd       ? 
_diffrn.crystal_id             1 
_diffrn.crystal_support        ? 
_diffrn.crystal_treatment      ? 
_diffrn.details                ? 
_diffrn.id                     1 
_diffrn.ambient_pressure       ? 
_diffrn.ambient_pressure_esd   ? 
_diffrn.ambient_pressure_gt    ? 
_diffrn.ambient_pressure_lt    ? 
_diffrn.ambient_temp_gt        ? 
_diffrn.ambient_temp_lt        ? 
# 
_diffrn_radiation.collimation                      ? 
_diffrn_radiation.diffrn_id                        1 
_diffrn_radiation.filter_edge                      ? 
_diffrn_radiation.inhomogeneity                    ? 
_diffrn_radiation.monochromator                    ? 
_diffrn_radiation.polarisn_norm                    ? 
_diffrn_radiation.polarisn_ratio                   ? 
_diffrn_radiation.probe                            ? 
_diffrn_radiation.type                             ? 
_diffrn_radiation.xray_symbol                      ? 
_diffrn_radiation.wavelength_id                    1 
_diffrn_radiation.pdbx_monochromatic_or_laue_m_l   M 
_diffrn_radiation.pdbx_wavelength_list             ? 
_diffrn_radiation.pdbx_wavelength                  ? 
_diffrn_radiation.pdbx_diffrn_protocol             'SINGLE WAVELENGTH' 
_diffrn_radiation.pdbx_analyzer                    ? 
_diffrn_radiation.pdbx_scattering_type             electron 
# 
_diffrn_radiation_wavelength.id           1 
_diffrn_radiation_wavelength.wavelength   . 
_diffrn_radiation_wavelength.wt           1.0 
# 
_reflns.entry_id                     6AXZ 
_reflns.pdbx_diffrn_id               1 
_reflns.pdbx_ordinal                 1 
_reflns.observed_criterion_sigma_I   -3.000 
_reflns.observed_criterion_sigma_F   ? 
_reflns.d_resolution_low             10.338 
_reflns.d_resolution_high            0.750 
_reflns.number_obs                   7474 
_reflns.number_all                   ? 
_reflns.percent_possible_obs         97.100 
_reflns.pdbx_Rmerge_I_obs            0.232 
_reflns.pdbx_Rsym_value              ? 
_reflns.pdbx_netI_over_sigmaI        4.570 
_reflns.B_iso_Wilson_estimate        4.170 
_reflns.pdbx_redundancy              5.787 
_reflns.pdbx_Rrim_I_all              0.250 
_reflns.pdbx_Rpim_I_all              ? 
_reflns.pdbx_CC_half                 0.982 
_reflns.pdbx_netI_over_av_sigmaI     ? 
_reflns.pdbx_number_measured_all     43252 
_reflns.pdbx_scaling_rejects         7 
_reflns.pdbx_chi_squared             0.872 
_reflns.Rmerge_F_all                 ? 
_reflns.Rmerge_F_obs                 ? 
_reflns.observed_criterion_F_max     ? 
_reflns.observed_criterion_F_min     ? 
_reflns.observed_criterion_I_max     ? 
_reflns.observed_criterion_I_min     ? 
_reflns.pdbx_d_res_high_opt          ? 
_reflns.pdbx_d_res_low_opt           ? 
_reflns.details                      ? 
# 
loop_
_reflns_shell.pdbx_diffrn_id 
_reflns_shell.pdbx_ordinal 
_reflns_shell.d_res_high 
_reflns_shell.d_res_low 
_reflns_shell.number_measured_obs 
_reflns_shell.number_measured_all 
_reflns_shell.number_unique_obs 
_reflns_shell.pdbx_rejects 
_reflns_shell.Rmerge_I_obs 
_reflns_shell.meanI_over_sigI_obs 
_reflns_shell.pdbx_Rsym_value 
_reflns_shell.pdbx_chi_squared 
_reflns_shell.pdbx_redundancy 
_reflns_shell.percent_possible_obs 
_reflns_shell.pdbx_netI_over_sigmaI_obs 
_reflns_shell.number_possible 
_reflns_shell.number_unique_all 
_reflns_shell.Rmerge_F_all 
_reflns_shell.Rmerge_F_obs 
_reflns_shell.Rmerge_I_all 
_reflns_shell.meanI_over_sigI_all 
_reflns_shell.percent_possible_all 
_reflns_shell.pdbx_Rrim_I_all 
_reflns_shell.pdbx_Rpim_I_all 
_reflns_shell.pdbx_CC_half 
1 1  0.750 0.770  2359 ? 532 ? 0.638 1.770 ? ? 4.434 ? ? 553 ? ? ? ? ? 96.200 0.729 ? 0.209 
1 2  0.770 0.790  2771 ? 557 ? 0.581 2.330 ? ? 4.975 ? ? 582 ? ? ? ? ? 95.700 0.655 ? 0.383 
1 3  0.790 0.810  2738 ? 524 ? 0.543 2.570 ? ? 5.225 ? ? 549 ? ? ? ? ? 95.400 0.606 ? 0.483 
1 4  0.810 0.840  2518 ? 499 ? 0.514 2.570 ? ? 5.046 ? ? 520 ? ? ? ? ? 96.000 0.579 ? 0.510 
1 5  0.840 0.870  2444 ? 476 ? 0.479 2.840 ? ? 5.134 ? ? 489 ? ? ? ? ? 97.300 0.535 ? 0.611 
1 6  0.870 0.900  2522 ? 466 ? 0.426 3.260 ? ? 5.412 ? ? 487 ? ? ? ? ? 95.700 0.471 ? 0.775 
1 7  0.900 0.930  2632 ? 463 ? 0.377 3.830 ? ? 5.685 ? ? 479 ? ? ? ? ? 96.700 0.414 ? 0.833 
1 8  0.930 0.970  2835 ? 460 ? 0.363 4.420 ? ? 6.163 ? ? 475 ? ? ? ? ? 96.800 0.393 ? 0.866 
1 9  0.970 1.010  2704 ? 433 ? 0.312 4.920 ? ? 6.245 ? ? 443 ? ? ? ? ? 97.700 0.336 ? 0.917 
1 10 1.010 1.060  2281 ? 392 ? 0.336 4.900 ? ? 5.819 ? ? 398 ? ? ? ? ? 98.500 0.366 ? 0.891 
1 11 1.060 1.120  2360 ? 386 ? 0.285 5.490 ? ? 6.114 ? ? 388 ? ? ? ? ? 99.500 0.309 ? 0.946 
1 12 1.120 1.190  2594 ? 380 ? 0.274 6.450 ? ? 6.826 ? ? 385 ? ? ? ? ? 98.700 0.294 ? 0.939 
1 13 1.190 1.270  2549 ? 376 ? 0.260 6.530 ? ? 6.779 ? ? 378 ? ? ? ? ? 99.500 0.280 ? 0.949 
1 14 1.270 1.370  1747 ? 291 ? 0.257 6.400 ? ? 6.003 ? ? 299 ? ? ? ? ? 97.300 0.280 ? 0.930 
1 15 1.370 1.500  2022 ? 305 ? 0.243 7.120 ? ? 6.630 ? ? 311 ? ? ? ? ? 98.100 0.261 ? 0.950 
1 16 1.500 1.680  1891 ? 275 ? 0.216 7.800 ? ? 6.876 ? ? 287 ? ? ? ? ? 95.800 0.231 ? 0.960 
1 17 1.680 1.940  1241 ? 205 ? 0.201 7.510 ? ? 6.054 ? ? 211 ? ? ? ? ? 97.200 0.218 ? 0.967 
1 18 1.940 2.370  1490 ? 220 ? 0.209 8.220 ? ? 6.773 ? ? 222 ? ? ? ? ? 99.100 0.225 ? 0.965 
1 19 2.370 3.350  992  ? 151 ? 0.168 8.400 ? ? 6.570 ? ? 155 ? ? ? ? ? 97.400 0.180 ? 0.982 
1 20 3.350 10.338 562  ? 83  ? 0.205 8.600 ? ? 6.771 ? ? 88  ? ? ? ? ? 94.300 0.218 ? 0.968 
# 
_refine.entry_id                                 6AXZ 
_refine.pdbx_refine_id                           'ELECTRON CRYSTALLOGRAPHY' 
_refine.ls_d_res_high                            0.7500 
_refine.ls_d_res_low                             10.3380 
_refine.pdbx_ls_sigma_F                          1.950 
_refine.pdbx_data_cutoff_high_absF               ? 
_refine.pdbx_data_cutoff_low_absF                ? 
_refine.ls_percent_reflns_obs                    96.9600 
_refine.ls_number_reflns_obs                     7473 
_refine.ls_number_reflns_all                     ? 
_refine.pdbx_ls_cross_valid_method               'FREE R-VALUE' 
_refine.ls_matrix_type                           ? 
_refine.pdbx_R_Free_selection_details            0 
_refine.details                                  ? 
_refine.ls_R_factor_all                          ? 
_refine.ls_R_factor_obs                          0.2426 
_refine.ls_R_factor_R_work                       0.2422 
_refine.ls_wR_factor_R_work                      ? 
_refine.ls_R_factor_R_free                       0.2460 
_refine.ls_wR_factor_R_free                      ? 
_refine.ls_percent_reflns_R_free                 9.0100 
_refine.ls_number_reflns_R_free                  673 
_refine.ls_number_reflns_R_work                  6800 
_refine.ls_R_factor_R_free_error                 ? 
_refine.B_iso_mean                               6.0686 
_refine.solvent_model_param_bsol                 ? 
_refine.solvent_model_param_ksol                 ? 
_refine.pdbx_isotropic_thermal_model             ? 
_refine.aniso_B[1][1]                            ? 
_refine.aniso_B[2][2]                            ? 
_refine.aniso_B[3][3]                            ? 
_refine.aniso_B[1][2]                            ? 
_refine.aniso_B[1][3]                            ? 
_refine.aniso_B[2][3]                            ? 
_refine.correlation_coeff_Fo_to_Fc               ? 
_refine.correlation_coeff_Fo_to_Fc_free          ? 
_refine.overall_SU_R_Cruickshank_DPI             ? 
_refine.pdbx_overall_SU_R_free_Cruickshank_DPI   ? 
_refine.pdbx_overall_SU_R_Blow_DPI               ? 
_refine.pdbx_overall_SU_R_free_Blow_DPI          ? 
_refine.overall_SU_R_free                        ? 
_refine.pdbx_overall_ESU_R                       ? 
_refine.pdbx_overall_ESU_R_Free                  ? 
_refine.overall_SU_ML                            0.1500 
_refine.overall_SU_B                             ? 
_refine.solvent_model_details                    'FLAT BULK SOLVENT MODEL' 
_refine.pdbx_solvent_vdw_probe_radii             1.1100 
_refine.pdbx_solvent_ion_probe_radii             ? 
_refine.pdbx_solvent_shrinkage_radii             0.9000 
_refine.ls_number_parameters                     ? 
_refine.ls_number_restraints                     ? 
_refine.pdbx_starting_model                      ? 
_refine.pdbx_method_to_determine_struct          'AB INITIO PHASING' 
_refine.pdbx_stereochemistry_target_values       ML 
_refine.pdbx_stereochem_target_val_spec_case     ? 
_refine.overall_FOM_work_R_set                   ? 
_refine.B_iso_max                                17.710 
_refine.B_iso_min                                1.290 
_refine.pdbx_overall_phase_error                 36.9000 
_refine.occupancy_max                            ? 
_refine.occupancy_min                            ? 
_refine.pdbx_diffrn_id                           1 
_refine.pdbx_TLS_residual_ADP_flag               ? 
_refine.pdbx_ls_sigma_I                          ? 
_refine.pdbx_data_cutoff_high_rms_absF           ? 
_refine.ls_R_factor_R_free_error_details         ? 
# 
loop_
_refine_ls_restr.pdbx_refine_id 
_refine_ls_restr.type 
_refine_ls_restr.number 
_refine_ls_restr.dev_ideal 
_refine_ls_restr.dev_ideal_target 
_refine_ls_restr.weight 
_refine_ls_restr.pdbx_restraint_function 
'ELECTRON CRYSTALLOGRAPHY' f_bond_d           82  0.014  ? ? ? 
'ELECTRON CRYSTALLOGRAPHY' f_angle_d          111 1.014  ? ? ? 
'ELECTRON CRYSTALLOGRAPHY' f_chiral_restr     10  0.104  ? ? ? 
'ELECTRON CRYSTALLOGRAPHY' f_plane_restr      17  0.005  ? ? ? 
'ELECTRON CRYSTALLOGRAPHY' f_dihedral_angle_d 29  18.838 ? ? ? 
# 
loop_
_refine_ls_shell.d_res_high 
_refine_ls_shell.d_res_low 
_refine_ls_shell.pdbx_total_number_of_bins_used 
_refine_ls_shell.percent_reflns_obs 
_refine_ls_shell.number_reflns_R_work 
_refine_ls_shell.R_factor_all 
_refine_ls_shell.R_factor_R_work 
_refine_ls_shell.R_factor_R_free 
_refine_ls_shell.percent_reflns_R_free 
_refine_ls_shell.number_reflns_R_free 
_refine_ls_shell.R_factor_R_free_error 
_refine_ls_shell.number_reflns_all 
_refine_ls_shell.number_reflns_obs 
_refine_ls_shell.pdbx_refine_id 
_refine_ls_shell.R_factor_obs 
0.7495 0.8074  5 95.0000 1358 . 0.3683 0.3907 . 134 0.0000 1492 . 'ELECTRON CRYSTALLOGRAPHY' . 
0.8074 0.8886  5 97.0000 1313 . 0.3442 0.3662 . 130 0.0000 1443 . 'ELECTRON CRYSTALLOGRAPHY' . 
0.8886 1.0171  5 97.0000 1383 . 0.2859 0.2859 . 137 0.0000 1520 . 'ELECTRON CRYSTALLOGRAPHY' . 
1.0171 1.2810  5 99.0000 1391 . 0.2436 0.2620 . 137 0.0000 1528 . 'ELECTRON CRYSTALLOGRAPHY' . 
1.2810 10.3387 5 97.0000 1355 . 0.1875 0.1851 . 135 0.0000 1490 . 'ELECTRON CRYSTALLOGRAPHY' . 
# 
_struct.entry_id                     6AXZ 
_struct.title                        'Segment from bank vole prion protein 168-176 QYNNQNNFV' 
_struct.pdbx_model_details           'polar clasp, MicroED, Glutamine ladder, Asparagine ladder' 
_struct.pdbx_formula_weight          ? 
_struct.pdbx_formula_weight_method   ? 
_struct.pdbx_model_type_details      ? 
_struct.pdbx_CASP_flag               N 
# 
_struct_keywords.entry_id        6AXZ 
_struct_keywords.text            'polar clasp, amyloid fibril, prion, PROTEIN FIBRIL' 
_struct_keywords.pdbx_keywords   'PROTEIN FIBRIL' 
# 
loop_
_struct_asym.id 
_struct_asym.pdbx_blank_PDB_chainid_flag 
_struct_asym.pdbx_modified 
_struct_asym.entity_id 
_struct_asym.details 
A N N 1 ? 
B N N 2 ? 
# 
_struct_ref.id                         1 
_struct_ref.db_name                    UNP 
_struct_ref.db_code                    Q8VHV5_MYOGA 
_struct_ref.pdbx_db_accession          Q8VHV5 
_struct_ref.pdbx_db_isoform            ? 
_struct_ref.entity_id                  1 
_struct_ref.pdbx_seq_one_letter_code   QYNNQNNFV 
_struct_ref.pdbx_align_begin           168 
# 
_struct_ref_seq.align_id                      1 
_struct_ref_seq.ref_id                        1 
_struct_ref_seq.pdbx_PDB_id_code              6AXZ 
_struct_ref_seq.pdbx_strand_id                A 
_struct_ref_seq.seq_align_beg                 1 
_struct_ref_seq.pdbx_seq_align_beg_ins_code   ? 
_struct_ref_seq.seq_align_end                 9 
_struct_ref_seq.pdbx_seq_align_end_ins_code   ? 
_struct_ref_seq.pdbx_db_accession             Q8VHV5 
_struct_ref_seq.db_align_beg                  168 
_struct_ref_seq.pdbx_db_align_beg_ins_code    ? 
_struct_ref_seq.db_align_end                  176 
_struct_ref_seq.pdbx_db_align_end_ins_code    ? 
_struct_ref_seq.pdbx_auth_seq_align_beg       168 
_struct_ref_seq.pdbx_auth_seq_align_end       176 
# 
_pdbx_struct_assembly.id                   1 
_pdbx_struct_assembly.details              author_defined_assembly 
_pdbx_struct_assembly.method_details       ? 
_pdbx_struct_assembly.oligomeric_details   decameric 
_pdbx_struct_assembly.oligomeric_count     10 
# 
loop_
_pdbx_struct_assembly_gen.assembly_id 
_pdbx_struct_assembly_gen.oper_expression 
_pdbx_struct_assembly_gen.asym_id_list 
1 1  A,B 
1 2  A,B 
1 3  A,B 
1 4  A,B 
1 5  A,B 
1 6  A,B 
1 7  A,B 
1 8  A,B 
1 9  A,B 
1 10 A,B 
# 
_pdbx_struct_assembly_auth_evidence.id                     1 
_pdbx_struct_assembly_auth_evidence.assembly_id            1 
_pdbx_struct_assembly_auth_evidence.experimental_support   microscopy 
_pdbx_struct_assembly_auth_evidence.details                ? 
# 
loop_
_pdbx_struct_oper_list.id 
_pdbx_struct_oper_list.type 
_pdbx_struct_oper_list.name 
_pdbx_struct_oper_list.symmetry_operation 
_pdbx_struct_oper_list.matrix[1][1] 
_pdbx_struct_oper_list.matrix[1][2] 
_pdbx_struct_oper_list.matrix[1][3] 
_pdbx_struct_oper_list.vector[1] 
_pdbx_struct_oper_list.matrix[2][1] 
_pdbx_struct_oper_list.matrix[2][2] 
_pdbx_struct_oper_list.matrix[2][3] 
_pdbx_struct_oper_list.vector[2] 
_pdbx_struct_oper_list.matrix[3][1] 
_pdbx_struct_oper_list.matrix[3][2] 
_pdbx_struct_oper_list.matrix[3][3] 
_pdbx_struct_oper_list.vector[3] 
1  'identity operation'         1_555 x,y,z     1.0000000000 0.0000000000 0.0000000000 0.0000000000  0.0000000000 1.0000000000 0.0000000000 0.0000000000  0.0000000000 0.0000000000 1.0000000000 0.0000000000   
2  'crystal symmetry operation' 1_655 x+1,y,z   1.0000000000 0.0000000000 0.0000000000 -0.8309457790 0.0000000000 1.0000000000 0.0000000000 2.6773156754  0.0000000000 0.0000000000 1.0000000000 -4.0675680555  
3  'crystal symmetry operation' 1_755 x+2,y,z   1.0000000000 0.0000000000 0.0000000000 -1.6618915581 0.0000000000 1.0000000000 0.0000000000 5.3546313508  0.0000000000 0.0000000000 1.0000000000 -8.1351361111  
4  'crystal symmetry operation' 1_855 x+3,y,z   1.0000000000 0.0000000000 0.0000000000 -2.4928373371 0.0000000000 1.0000000000 0.0000000000 8.0319470263  0.0000000000 0.0000000000 1.0000000000 -12.2027041666 
5  'crystal symmetry operation' 1_955 x+4,y,z   1.0000000000 0.0000000000 0.0000000000 -3.3237831162 0.0000000000 1.0000000000 0.0000000000 10.7092627017 0.0000000000 0.0000000000 1.0000000000 -16.2702722222 
6  'crystal symmetry operation' 1_565 x,y+1,z   1.0000000000 0.0000000000 0.0000000000 10.0991168923 0.0000000000 1.0000000000 0.0000000000 -2.0782846722 0.0000000000 0.0000000000 1.0000000000 -0.7772842565  
7  'crystal symmetry operation' 1_665 x+1,y+1,z 1.0000000000 0.0000000000 0.0000000000 9.2681711133  0.0000000000 1.0000000000 0.0000000000 0.5990310032  0.0000000000 0.0000000000 1.0000000000 -4.8448523121  
8  'crystal symmetry operation' 1_765 x+2,y+1,z 1.0000000000 0.0000000000 0.0000000000 8.4372253343  0.0000000000 1.0000000000 0.0000000000 3.2763466786  0.0000000000 0.0000000000 1.0000000000 -8.9124203676  
9  'crystal symmetry operation' 1_865 x+3,y+1,z 1.0000000000 0.0000000000 0.0000000000 7.6062795552  0.0000000000 1.0000000000 0.0000000000 5.9536623540  0.0000000000 0.0000000000 1.0000000000 -12.9799884231 
10 'crystal symmetry operation' 1_965 x+4,y+1,z 1.0000000000 0.0000000000 0.0000000000 6.7753337762  0.0000000000 1.0000000000 0.0000000000 8.6309780295  0.0000000000 0.0000000000 1.0000000000 -17.0475564787 
# 
_em_3d_fitting.entry_id          6AXZ 
_em_3d_fitting.id                1 
_em_3d_fitting.details           ? 
_em_3d_fitting.overall_b_value   6.068 
_em_3d_fitting.ref_protocol      'AB INITIO MODEL' 
_em_3d_fitting.ref_space         RECIPROCAL 
_em_3d_fitting.target_criteria   'maximum likelihood' 
_em_3d_fitting.method            ? 
# 
_em_3d_reconstruction.entry_id                    6AXZ 
_em_3d_reconstruction.id                          1 
_em_3d_reconstruction.algorithm                   ? 
_em_3d_reconstruction.details                     ? 
_em_3d_reconstruction.refinement_type             ? 
_em_3d_reconstruction.image_processing_id         1 
_em_3d_reconstruction.num_class_averages          ? 
_em_3d_reconstruction.num_particles               ? 
_em_3d_reconstruction.resolution                  ? 
_em_3d_reconstruction.resolution_method           'DIFFRACTION PATTERN/LAYERLINES' 
_em_3d_reconstruction.symmetry_type               '3D CRYSTAL' 
_em_3d_reconstruction.method                      ? 
_em_3d_reconstruction.nominal_pixel_size          ? 
_em_3d_reconstruction.actual_pixel_size           ? 
_em_3d_reconstruction.magnification_calibration   ? 
_em_3d_reconstruction.citation_id                 ? 
_em_3d_reconstruction.euler_angles_details        ? 
# 
_em_buffer.id            1 
_em_buffer.details       ? 
_em_buffer.pH            6.0 
_em_buffer.specimen_id   1 
_em_buffer.name          ? 
# 
_em_entity_assembly.id                   1 
_em_entity_assembly.parent_id            0 
_em_entity_assembly.details              ? 
_em_entity_assembly.name                 'bank vole prion 168-176' 
_em_entity_assembly.source               NATURAL 
_em_entity_assembly.type                 COMPLEX 
_em_entity_assembly.entity_id_list       1 
_em_entity_assembly.synonym              ? 
_em_entity_assembly.oligomeric_details   ? 
# 
_em_imaging.id                              1 
_em_imaging.entry_id                        6AXZ 
_em_imaging.accelerating_voltage            200 
_em_imaging.alignment_procedure             ? 
_em_imaging.c2_aperture_diameter            ? 
_em_imaging.calibrated_defocus_max          ? 
_em_imaging.calibrated_defocus_min          ? 
_em_imaging.calibrated_magnification        ? 
_em_imaging.cryogen                         ? 
_em_imaging.details                         ? 
_em_imaging.electron_source                 'FIELD EMISSION GUN' 
_em_imaging.illumination_mode               'FLOOD BEAM' 
_em_imaging.microscope_model                'FEI TECNAI F20' 
_em_imaging.mode                            DIFFRACTION 
_em_imaging.nominal_cs                      ? 
_em_imaging.nominal_defocus_max             ? 
_em_imaging.nominal_defocus_min             ? 
_em_imaging.nominal_magnification           ? 
_em_imaging.recording_temperature_maximum   ? 
_em_imaging.recording_temperature_minimum   ? 
_em_imaging.residual_tilt                   ? 
_em_imaging.specimen_holder_model           ? 
_em_imaging.specimen_id                     1 
_em_imaging.citation_id                     ? 
_em_imaging.date                            ? 
_em_imaging.temperature                     ? 
_em_imaging.tilt_angle_min                  ? 
_em_imaging.tilt_angle_max                  ? 
_em_imaging.astigmatism                     ? 
_em_imaging.detector_distance               ? 
_em_imaging.electron_beam_tilt_params       ? 
_em_imaging.specimen_holder_type            ? 
# 
_em_vitrification.id                    1 
_em_vitrification.specimen_id           1 
_em_vitrification.chamber_temperature   ? 
_em_vitrification.cryogen_name          ETHANE 
_em_vitrification.details               ? 
_em_vitrification.humidity              ? 
_em_vitrification.instrument            ? 
_em_vitrification.entry_id              6AXZ 
_em_vitrification.citation_id           ? 
_em_vitrification.method                ? 
_em_vitrification.temp                  ? 
_em_vitrification.time_resolved_state   ? 
# 
_em_experiment.entry_id                6AXZ 
_em_experiment.id                      1 
_em_experiment.aggregation_state       '3D ARRAY' 
_em_experiment.reconstruction_method   CRYSTALLOGRAPHY 
_em_experiment.entity_assembly_id      1 
# 
loop_
_chem_comp_atom.comp_id 
_chem_comp_atom.atom_id 
_chem_comp_atom.type_symbol 
_chem_comp_atom.pdbx_aromatic_flag 
_chem_comp_atom.pdbx_stereo_config 
_chem_comp_atom.pdbx_ordinal 
ASN N    N N N 1   
ASN CA   C N S 2   
ASN C    C N N 3   
ASN O    O N N 4   
ASN CB   C N N 5   
ASN CG   C N N 6   
ASN OD1  O N N 7   
ASN ND2  N N N 8   
ASN OXT  O N N 9   
ASN H    H N N 10  
ASN H2   H N N 11  
ASN HA   H N N 12  
ASN HB2  H N N 13  
ASN HB3  H N N 14  
ASN HD21 H N N 15  
ASN HD22 H N N 16  
ASN HXT  H N N 17  
GLN N    N N N 18  
GLN CA   C N S 19  
GLN C    C N N 20  
GLN O    O N N 21  
GLN CB   C N N 22  
GLN CG   C N N 23  
GLN CD   C N N 24  
GLN OE1  O N N 25  
GLN NE2  N N N 26  
GLN OXT  O N N 27  
GLN H    H N N 28  
GLN H2   H N N 29  
GLN HA   H N N 30  
GLN HB2  H N N 31  
GLN HB3  H N N 32  
GLN HG2  H N N 33  
GLN HG3  H N N 34  
GLN HE21 H N N 35  
GLN HE22 H N N 36  
GLN HXT  H N N 37  
HOH O    O N N 38  
HOH H1   H N N 39  
HOH H2   H N N 40  
PHE N    N N N 41  
PHE CA   C N S 42  
PHE C    C N N 43  
PHE O    O N N 44  
PHE CB   C N N 45  
PHE CG   C Y N 46  
PHE CD1  C Y N 47  
PHE CD2  C Y N 48  
PHE CE1  C Y N 49  
PHE CE2  C Y N 50  
PHE CZ   C Y N 51  
PHE OXT  O N N 52  
PHE H    H N N 53  
PHE H2   H N N 54  
PHE HA   H N N 55  
PHE HB2  H N N 56  
PHE HB3  H N N 57  
PHE HD1  H N N 58  
PHE HD2  H N N 59  
PHE HE1  H N N 60  
PHE HE2  H N N 61  
PHE HZ   H N N 62  
PHE HXT  H N N 63  
TYR N    N N N 64  
TYR CA   C N S 65  
TYR C    C N N 66  
TYR O    O N N 67  
TYR CB   C N N 68  
TYR CG   C Y N 69  
TYR CD1  C Y N 70  
TYR CD2  C Y N 71  
TYR CE1  C Y N 72  
TYR CE2  C Y N 73  
TYR CZ   C Y N 74  
TYR OH   O N N 75  
TYR OXT  O N N 76  
TYR H    H N N 77  
TYR H2   H N N 78  
TYR HA   H N N 79  
TYR HB2  H N N 80  
TYR HB3  H N N 81  
TYR HD1  H N N 82  
TYR HD2  H N N 83  
TYR HE1  H N N 84  
TYR HE2  H N N 85  
TYR HH   H N N 86  
TYR HXT  H N N 87  
VAL N    N N N 88  
VAL CA   C N S 89  
VAL C    C N N 90  
VAL O    O N N 91  
VAL CB   C N N 92  
VAL CG1  C N N 93  
VAL CG2  C N N 94  
VAL OXT  O N N 95  
VAL H    H N N 96  
VAL H2   H N N 97  
VAL HA   H N N 98  
VAL HB   H N N 99  
VAL HG11 H N N 100 
VAL HG12 H N N 101 
VAL HG13 H N N 102 
VAL HG21 H N N 103 
VAL HG22 H N N 104 
VAL HG23 H N N 105 
VAL HXT  H N N 106 
# 
loop_
_chem_comp_bond.comp_id 
_chem_comp_bond.atom_id_1 
_chem_comp_bond.atom_id_2 
_chem_comp_bond.value_order 
_chem_comp_bond.pdbx_aromatic_flag 
_chem_comp_bond.pdbx_stereo_config 
_chem_comp_bond.pdbx_ordinal 
ASN N   CA   sing N N 1   
ASN N   H    sing N N 2   
ASN N   H2   sing N N 3   
ASN CA  C    sing N N 4   
ASN CA  CB   sing N N 5   
ASN CA  HA   sing N N 6   
ASN C   O    doub N N 7   
ASN C   OXT  sing N N 8   
ASN CB  CG   sing N N 9   
ASN CB  HB2  sing N N 10  
ASN CB  HB3  sing N N 11  
ASN CG  OD1  doub N N 12  
ASN CG  ND2  sing N N 13  
ASN ND2 HD21 sing N N 14  
ASN ND2 HD22 sing N N 15  
ASN OXT HXT  sing N N 16  
GLN N   CA   sing N N 17  
GLN N   H    sing N N 18  
GLN N   H2   sing N N 19  
GLN CA  C    sing N N 20  
GLN CA  CB   sing N N 21  
GLN CA  HA   sing N N 22  
GLN C   O    doub N N 23  
GLN C   OXT  sing N N 24  
GLN CB  CG   sing N N 25  
GLN CB  HB2  sing N N 26  
GLN CB  HB3  sing N N 27  
GLN CG  CD   sing N N 28  
GLN CG  HG2  sing N N 29  
GLN CG  HG3  sing N N 30  
GLN CD  OE1  doub N N 31  
GLN CD  NE2  sing N N 32  
GLN NE2 HE21 sing N N 33  
GLN NE2 HE22 sing N N 34  
GLN OXT HXT  sing N N 35  
HOH O   H1   sing N N 36  
HOH O   H2   sing N N 37  
PHE N   CA   sing N N 38  
PHE N   H    sing N N 39  
PHE N   H2   sing N N 40  
PHE CA  C    sing N N 41  
PHE CA  CB   sing N N 42  
PHE CA  HA   sing N N 43  
PHE C   O    doub N N 44  
PHE C   OXT  sing N N 45  
PHE CB  CG   sing N N 46  
PHE CB  HB2  sing N N 47  
PHE CB  HB3  sing N N 48  
PHE CG  CD1  doub Y N 49  
PHE CG  CD2  sing Y N 50  
PHE CD1 CE1  sing Y N 51  
PHE CD1 HD1  sing N N 52  
PHE CD2 CE2  doub Y N 53  
PHE CD2 HD2  sing N N 54  
PHE CE1 CZ   doub Y N 55  
PHE CE1 HE1  sing N N 56  
PHE CE2 CZ   sing Y N 57  
PHE CE2 HE2  sing N N 58  
PHE CZ  HZ   sing N N 59  
PHE OXT HXT  sing N N 60  
TYR N   CA   sing N N 61  
TYR N   H    sing N N 62  
TYR N   H2   sing N N 63  
TYR CA  C    sing N N 64  
TYR CA  CB   sing N N 65  
TYR CA  HA   sing N N 66  
TYR C   O    doub N N 67  
TYR C   OXT  sing N N 68  
TYR CB  CG   sing N N 69  
TYR CB  HB2  sing N N 70  
TYR CB  HB3  sing N N 71  
TYR CG  CD1  doub Y N 72  
TYR CG  CD2  sing Y N 73  
TYR CD1 CE1  sing Y N 74  
TYR CD1 HD1  sing N N 75  
TYR CD2 CE2  doub Y N 76  
TYR CD2 HD2  sing N N 77  
TYR CE1 CZ   doub Y N 78  
TYR CE1 HE1  sing N N 79  
TYR CE2 CZ   sing Y N 80  
TYR CE2 HE2  sing N N 81  
TYR CZ  OH   sing N N 82  
TYR OH  HH   sing N N 83  
TYR OXT HXT  sing N N 84  
VAL N   CA   sing N N 85  
VAL N   H    sing N N 86  
VAL N   H2   sing N N 87  
VAL CA  C    sing N N 88  
VAL CA  CB   sing N N 89  
VAL CA  HA   sing N N 90  
VAL C   O    doub N N 91  
VAL C   OXT  sing N N 92  
VAL CB  CG1  sing N N 93  
VAL CB  CG2  sing N N 94  
VAL CB  HB   sing N N 95  
VAL CG1 HG11 sing N N 96  
VAL CG1 HG12 sing N N 97  
VAL CG1 HG13 sing N N 98  
VAL CG2 HG21 sing N N 99  
VAL CG2 HG22 sing N N 100 
VAL CG2 HG23 sing N N 101 
VAL OXT HXT  sing N N 102 
# 
_em_3d_crystal_entity.id                    1 
_em_3d_crystal_entity.image_processing_id   1 
_em_3d_crystal_entity.angle_alpha           94.21 
_em_3d_crystal_entity.angle_beta            92.38 
_em_3d_crystal_entity.angle_gamma           102.20 
_em_3d_crystal_entity.length_a              4.94 
_em_3d_crystal_entity.length_b              10.34 
_em_3d_crystal_entity.length_c              31.15 
_em_3d_crystal_entity.space_group_name      P1 
_em_3d_crystal_entity.space_group_num       1 
# 
_em_ctf_correction.id                       1 
_em_ctf_correction.em_image_processing_id   1 
_em_ctf_correction.type                     NONE 
_em_ctf_correction.details                  ? 
# 
_em_diffraction.id                1 
_em_diffraction.camera_length     950 
_em_diffraction.imaging_id        1 
_em_diffraction.tilt_angle_list   ? 
# 
_em_diffraction_shell.id                        1 
_em_diffraction_shell.em_diffraction_stats_id   1 
_em_diffraction_shell.fourier_space_coverage    96.2 
_em_diffraction_shell.high_resolution           0.75 
_em_diffraction_shell.low_resolution            0.77 
_em_diffraction_shell.multiplicity              4.4 
_em_diffraction_shell.num_structure_factors     532 
_em_diffraction_shell.phase_residual            0.01 
# 
_em_diffraction_stats.id                               1 
_em_diffraction_stats.details                          ? 
_em_diffraction_stats.image_processing_id              1 
_em_diffraction_stats.fourier_space_coverage           97.1 
_em_diffraction_stats.high_resolution                  0.75 
_em_diffraction_stats.num_intensities_measured         43252 
_em_diffraction_stats.num_structure_factors            7474 
_em_diffraction_stats.overall_phase_error              0.01 
_em_diffraction_stats.overall_phase_residual           0.01 
_em_diffraction_stats.phase_error_rejection_criteria   0 
_em_diffraction_stats.r_merge                          23.2 
_em_diffraction_stats.r_sym                            23.2 
# 
_em_entity_assembly_molwt.entity_assembly_id   1 
_em_entity_assembly_molwt.id                   1 
_em_entity_assembly_molwt.experimental_flag    YES 
_em_entity_assembly_molwt.units                MEGADALTONS 
_em_entity_assembly_molwt.value                0.0046 
# 
_em_entity_assembly_naturalsource.id                   1 
_em_entity_assembly_naturalsource.entity_assembly_id   1 
_em_entity_assembly_naturalsource.cell                 ? 
_em_entity_assembly_naturalsource.cellular_location    ? 
_em_entity_assembly_naturalsource.ncbi_tax_id          447135 
_em_entity_assembly_naturalsource.organ                ? 
_em_entity_assembly_naturalsource.organelle            ? 
_em_entity_assembly_naturalsource.organism             'Myodes glareolus' 
_em_entity_assembly_naturalsource.strain               ? 
_em_entity_assembly_naturalsource.tissue               ? 
# 
_em_image_processing.id                   1 
_em_image_processing.image_recording_id   1 
_em_image_processing.details              ? 
# 
_em_image_recording.id                            1 
_em_image_recording.imaging_id                    1 
_em_image_recording.avg_electron_dose_per_image   0.025 
_em_image_recording.average_exposure_time         ? 
_em_image_recording.details                       ? 
_em_image_recording.detector_mode                 ? 
_em_image_recording.film_or_detector_model        'TVIPS TEMCAM-F416 (4k x 4k)' 
_em_image_recording.num_diffraction_images        ? 
_em_image_recording.num_grids_imaged              ? 
_em_image_recording.num_real_images               ? 
# 
loop_
_em_software.id 
_em_software.category 
_em_software.details 
_em_software.name 
_em_software.version 
_em_software.image_processing_id 
_em_software.fitting_id 
_em_software.imaging_id 
1  'IMAGE ACQUISITION'             ? ?    ? ? ? 1 
2  MASKING                         ? ?    ? ? ? ? 
3  'CTF CORRECTION'                ? ?    ? 1 ? ? 
4  'LAYERLINE INDEXING'            ? ?    ? ? ? ? 
5  'DIFFRACTION INDEXING'          ? ?    ? ? ? ? 
6  'MODEL FITTING'                 ? ?    ? ? 1 ? 
7  OTHER                           ? ?    ? ? ? ? 
8  'MOLECULAR REPLACEMENT'         ? ?    ? 1 ? ? 
9  'LATTICE DISTORTION CORRECTION' ? ?    ? 1 ? ? 
10 'SYMMETRY DETERMINATION'        ? ?    ? 1 ? ? 
11 'CRYSTALLOGRAPHY MERGING'       ? ?    ? 1 ? ? 
12 RECONSTRUCTION                  ? ?    ? 1 ? ? 
13 'MODEL REFINEMENT'              ? Coot ? ? 1 ? 
# 
_em_specimen.id                      1 
_em_specimen.experiment_id           1 
_em_specimen.concentration           ? 
_em_specimen.details                 ? 
_em_specimen.embedding_applied       NO 
_em_specimen.shadowing_applied       NO 
_em_specimen.staining_applied        NO 
_em_specimen.vitrification_applied   YES 
# 
_atom_sites.entry_id                    6AXZ 
_atom_sites.fract_transf_matrix[1][1]   0.00555058 
_atom_sites.fract_transf_matrix[1][2]   0.09570854 
_atom_sites.fract_transf_matrix[1][3]   -0.18398451 
_atom_sites.fract_transf_matrix[2][1]   0.09351614 
_atom_sites.fract_transf_matrix[2][2]   -0.01572893 
_atom_sites.fract_transf_matrix[2][3]   -0.02945695 
_atom_sites.fract_transf_matrix[3][1]   -0.00680362 
_atom_sites.fract_transf_matrix[3][2]   -0.02694732 
_atom_sites.fract_transf_matrix[3][3]   -0.01634712 
_atom_sites.fract_transf_vector[1]      -0.231389 
_atom_sites.fract_transf_vector[2]      -0.007365 
_atom_sites.fract_transf_vector[3]      0.314200 
# 
loop_
_atom_type.symbol 
C 
H 
N 
O 
# 
loop_
_atom_site.group_PDB 
_atom_site.id 
_atom_site.type_symbol 
_atom_site.label_atom_id 
_atom_site.label_alt_id 
_atom_site.label_comp_id 
_atom_site.label_asym_id 
_atom_site.label_entity_id 
_atom_site.label_seq_id 
_atom_site.pdbx_PDB_ins_code 
_atom_site.Cartn_x 
_atom_site.Cartn_y 
_atom_site.Cartn_z 
_atom_site.occupancy 
_atom_site.B_iso_or_equiv 
_atom_site.pdbx_formal_charge 
_atom_site.auth_seq_id 
_atom_site.auth_comp_id 
_atom_site.auth_asym_id 
_atom_site.auth_atom_id 
_atom_site.pdbx_PDB_model_num 
ATOM   1   N N    . GLN A 1 1 ? -1.670 12.128  8.263  1.00 10.25 ? 168 GLN A N    1 
ATOM   2   C CA   . GLN A 1 1 ? -0.987 11.490  7.136  1.00 9.64  ? 168 GLN A CA   1 
ATOM   3   C C    . GLN A 1 1 ? -1.332 9.991   6.981  1.00 6.72  ? 168 GLN A C    1 
ATOM   4   O O    . GLN A 1 1 ? -1.106 9.203   7.902  1.00 7.94  ? 168 GLN A O    1 
ATOM   5   C CB   . GLN A 1 1 ? 0.524  11.655  7.300  1.00 11.56 ? 168 GLN A CB   1 
ATOM   6   C CG   . GLN A 1 1 ? 1.308  11.528  6.008  1.00 11.85 ? 168 GLN A CG   1 
ATOM   7   C CD   . GLN A 1 1 ? 2.789  11.578  6.235  1.00 11.54 ? 168 GLN A CD   1 
ATOM   8   O OE1  . GLN A 1 1 ? 3.342  10.760  6.967  1.00 11.65 ? 168 GLN A OE1  1 
ATOM   9   N NE2  . GLN A 1 1 ? 3.447  12.550  5.623  1.00 11.93 ? 168 GLN A NE2  1 
ATOM   10  H H1   . GLN A 1 1 ? -1.678 11.656  8.981  1.00 12.42 ? 168 GLN A H1   1 
ATOM   11  H H2   . GLN A 1 1 ? -1.292 12.997  8.416  1.00 12.42 ? 168 GLN A H2   1 
ATOM   12  H H3   . GLN A 1 1 ? -2.605 12.218  8.061  1.00 12.42 ? 168 GLN A H3   1 
ATOM   13  H HA   . GLN A 1 1 ? -1.247 11.940  6.317  1.00 11.70 ? 168 GLN A HA   1 
ATOM   14  H HB2  . GLN A 1 1 ? 0.702  12.534  7.669  1.00 14.00 ? 168 GLN A HB2  1 
ATOM   15  H HB3  . GLN A 1 1 ? 0.847  10.973  7.910  1.00 14.00 ? 168 GLN A HB3  1 
ATOM   16  H HG2  . GLN A 1 1 ? 1.094  10.679  5.589  1.00 14.34 ? 168 GLN A HG2  1 
ATOM   17  H HG3  . GLN A 1 1 ? 1.068  12.260  5.418  1.00 14.34 ? 168 GLN A HG3  1 
ATOM   18  H HE21 . GLN A 1 1 ? 3.025  13.105  5.122  1.00 14.44 ? 168 GLN A HE21 1 
ATOM   19  H HE22 . GLN A 1 1 ? 4.299  12.622  5.724  1.00 14.44 ? 168 GLN A HE22 1 
ATOM   20  N N    . TYR A 1 2 ? -1.857 9.614   5.809  1.00 5.19  ? 169 TYR A N    1 
ATOM   21  C CA   . TYR A 1 2 ? -2.287 8.249   5.489  1.00 4.04  ? 169 TYR A CA   1 
ATOM   22  C C    . TYR A 1 2 ? -1.346 7.703   4.412  1.00 3.63  ? 169 TYR A C    1 
ATOM   23  O O    . TYR A 1 2 ? -1.272 8.270   3.316  1.00 3.96  ? 169 TYR A O    1 
ATOM   24  C CB   . TYR A 1 2 ? -3.753 8.274   5.006  1.00 4.29  ? 169 TYR A CB   1 
ATOM   25  C CG   . TYR A 1 2 ? -4.467 6.953   4.621  1.00 3.49  ? 169 TYR A CG   1 
ATOM   26  C CD1  . TYR A 1 2 ? -4.352 6.417   3.334  1.00 3.61  ? 169 TYR A CD1  1 
ATOM   27  C CD2  . TYR A 1 2 ? -5.331 6.308   5.517  1.00 3.73  ? 169 TYR A CD2  1 
ATOM   28  C CE1  . TYR A 1 2 ? -5.025 5.250   2.971  1.00 3.33  ? 169 TYR A CE1  1 
ATOM   29  C CE2  . TYR A 1 2 ? -6.014 5.135   5.162  1.00 3.31  ? 169 TYR A CE2  1 
ATOM   30  C CZ   . TYR A 1 2 ? -5.864 4.616   3.878  1.00 3.00  ? 169 TYR A CZ   1 
ATOM   31  O OH   . TYR A 1 2 ? -6.525 3.475   3.496  1.00 3.87  ? 169 TYR A OH   1 
ATOM   32  H H    . TYR A 1 2 ? -1.977 10.160  5.156  1.00 6.35  ? 169 TYR A H    1 
ATOM   33  H HA   . TYR A 1 2 ? -2.224 7.687   6.277  1.00 4.97  ? 169 TYR A HA   1 
ATOM   34  H HB2  . TYR A 1 2 ? -4.283 8.678   5.711  1.00 5.27  ? 169 TYR A HB2  1 
ATOM   35  H HB3  . TYR A 1 2 ? -3.791 8.846   4.223  1.00 5.27  ? 169 TYR A HB3  1 
ATOM   36  H HD1  . TYR A 1 2 ? -3.797 6.834   2.716  1.00 4.46  ? 169 TYR A HD1  1 
ATOM   37  H HD2  . TYR A 1 2 ? -5.439 6.654   6.374  1.00 4.60  ? 169 TYR A HD2  1 
ATOM   38  H HE1  . TYR A 1 2 ? -4.924 4.905   2.113  1.00 4.12  ? 169 TYR A HE1  1 
ATOM   39  H HE2  . TYR A 1 2 ? -6.573 4.715   5.774  1.00 4.10  ? 169 TYR A HE2  1 
ATOM   40  H HH   . TYR A 1 2 ? -6.997 3.191   4.129  1.00 4.77  ? 169 TYR A HH   1 
ATOM   41  N N    . ASN A 1 3 ? -0.612 6.624   4.735  1.00 3.14  ? 170 ASN A N    1 
ATOM   42  C CA   . ASN A 1 3 ? 0.403  6.020   3.863  1.00 3.18  ? 170 ASN A CA   1 
ATOM   43  C C    . ASN A 1 3 ? 0.050  4.545   3.630  1.00 3.10  ? 170 ASN A C    1 
ATOM   44  O O    . ASN A 1 3 ? -0.004 3.762   4.585  1.00 4.05  ? 170 ASN A O    1 
ATOM   45  C CB   . ASN A 1 3 ? 1.793  6.126   4.526  1.00 3.95  ? 170 ASN A CB   1 
ATOM   46  C CG   . ASN A 1 3 ? 2.215  7.583   4.820  1.00 5.50  ? 170 ASN A CG   1 
ATOM   47  O OD1  . ASN A 1 3 ? 2.243  8.435   3.917  1.00 5.94  ? 170 ASN A OD1  1 
ATOM   48  N ND2  . ASN A 1 3 ? 2.534  7.871   6.083  1.00 6.55  ? 170 ASN A ND2  1 
ATOM   49  H H    . ASN A 1 3 ? -0.693 6.211   5.485  1.00 3.90  ? 170 ASN A H    1 
ATOM   50  H HA   . ASN A 1 3 ? 0.425  6.480   3.009  1.00 3.94  ? 170 ASN A HA   1 
ATOM   51  H HB2  . ASN A 1 3 ? 1.778  5.644   5.368  1.00 4.86  ? 170 ASN A HB2  1 
ATOM   52  H HB3  . ASN A 1 3 ? 2.455  5.737   3.933  1.00 4.86  ? 170 ASN A HB3  1 
ATOM   53  H HD21 . ASN A 1 3 ? 2.774  8.669   6.295  1.00 7.98  ? 170 ASN A HD21 1 
ATOM   54  H HD22 . ASN A 1 3 ? 2.502  7.257   6.686  1.00 7.98  ? 170 ASN A HD22 1 
ATOM   55  N N    . ASN A 1 4 ? -0.170 4.160   2.363  1.00 2.24  ? 171 ASN A N    1 
ATOM   56  C CA   . ASN A 1 4 ? -0.679 2.832   2.000  1.00 1.86  ? 171 ASN A CA   1 
ATOM   57  C C    . ASN A 1 4 ? 0.056  2.310   0.764  1.00 1.78  ? 171 ASN A C    1 
ATOM   58  O O    . ASN A 1 4 ? 0.224  3.050   -0.217 1.00 2.61  ? 171 ASN A O    1 
ATOM   59  C CB   . ASN A 1 4 ? -2.201 2.946   1.691  1.00 2.60  ? 171 ASN A CB   1 
ATOM   60  C CG   . ASN A 1 4 ? -2.894 1.575   1.422  1.00 2.26  ? 171 ASN A CG   1 
ATOM   61  O OD1  . ASN A 1 4 ? -2.730 0.617   2.179  1.00 2.30  ? 171 ASN A OD1  1 
ATOM   62  N ND2  . ASN A 1 4 ? -3.705 1.514   0.356  1.00 2.40  ? 171 ASN A ND2  1 
ATOM   63  H H    . ASN A 1 4 ? -0.025 4.664   1.682  1.00 2.81  ? 171 ASN A H    1 
ATOM   64  H HA   . ASN A 1 4 ? -0.548 2.212   2.733  1.00 2.35  ? 171 ASN A HA   1 
ATOM   65  H HB2  . ASN A 1 4 ? -2.644 3.357   2.451  1.00 3.24  ? 171 ASN A HB2  1 
ATOM   66  H HB3  . ASN A 1 4 ? -2.321 3.498   0.903  1.00 3.24  ? 171 ASN A HB3  1 
ATOM   67  H HD21 . ASN A 1 4 ? -4.112 0.781   0.167  1.00 3.00  ? 171 ASN A HD21 1 
ATOM   68  H HD22 . ASN A 1 4 ? -3.805 2.204   -0.149 1.00 3.00  ? 171 ASN A HD22 1 
ATOM   69  N N    . GLN A 1 5 ? 0.467  1.031   0.792  1.00 1.62  ? 172 GLN A N    1 
ATOM   70  C CA   . GLN A 1 5 ? 1.063  0.378   -0.378 1.00 1.34  ? 172 GLN A CA   1 
ATOM   71  C C    . GLN A 1 5 ? 0.785  -1.125  -0.308 1.00 1.54  ? 172 GLN A C    1 
ATOM   72  O O    . GLN A 1 5 ? 0.944  -1.727  0.754  1.00 1.67  ? 172 GLN A O    1 
ATOM   73  C CB   . GLN A 1 5 ? 2.586  0.647   -0.491 1.00 1.62  ? 172 GLN A CB   1 
ATOM   74  C CG   . GLN A 1 5 ? 3.186  0.445   -1.899 1.00 1.78  ? 172 GLN A CG   1 
ATOM   75  C CD   . GLN A 1 5 ? 3.452  -1.004  -2.284 1.00 1.71  ? 172 GLN A CD   1 
ATOM   76  O OE1  . GLN A 1 5 ? 3.826  -1.831  -1.447 1.00 2.35  ? 172 GLN A OE1  1 
ATOM   77  N NE2  . GLN A 1 5 ? 3.296  -1.313  -3.569 1.00 2.05  ? 172 GLN A NE2  1 
ATOM   78  H H    . GLN A 1 5 ? 0.410  0.521   1.483  1.00 2.07  ? 172 GLN A H    1 
ATOM   79  H HA   . GLN A 1 5 ? 0.640  0.723   -1.181 1.00 1.73  ? 172 GLN A HA   1 
ATOM   80  H HB2  . GLN A 1 5 ? 2.757  1.566   -0.229 1.00 2.06  ? 172 GLN A HB2  1 
ATOM   81  H HB3  . GLN A 1 5 ? 3.051  0.046   0.113  1.00 2.06  ? 172 GLN A HB3  1 
ATOM   82  H HG2  . GLN A 1 5 ? 2.570  0.813   -2.552 1.00 2.26  ? 172 GLN A HG2  1 
ATOM   83  H HG3  . GLN A 1 5 ? 4.030  0.921   -1.946 1.00 2.26  ? 172 GLN A HG3  1 
ATOM   84  H HE21 . GLN A 1 5 ? 3.040  -0.711  -4.127 1.00 2.59  ? 172 GLN A HE21 1 
ATOM   85  H HE22 . GLN A 1 5 ? 3.436  -2.118  -3.838 1.00 2.59  ? 172 GLN A HE22 1 
ATOM   86  N N    . ASN A 1 6 ? 0.355  -1.736  -1.417 1.00 1.29  ? 173 ASN A N    1 
ATOM   87  C CA   . ASN A 1 6 ? 0.088  -3.176  -1.432 1.00 1.58  ? 173 ASN A CA   1 
ATOM   88  C C    . ASN A 1 6 ? 0.518  -3.793  -2.763 1.00 1.67  ? 173 ASN A C    1 
ATOM   89  O O    . ASN A 1 6 ? 0.334  -3.184  -3.821 1.00 2.25  ? 173 ASN A O    1 
ATOM   90  C CB   . ASN A 1 6 ? -1.423 -3.495  -1.153 1.00 2.14  ? 173 ASN A CB   1 
ATOM   91  C CG   . ASN A 1 6 ? -1.939 -2.899  0.150  1.00 1.85  ? 173 ASN A CG   1 
ATOM   92  O OD1  . ASN A 1 6 ? -1.906 -3.556  1.203  1.00 2.55  ? 173 ASN A OD1  1 
ATOM   93  N ND2  . ASN A 1 6 ? -2.409 -1.640  0.091  1.00 2.24  ? 173 ASN A ND2  1 
ATOM   94  H H    . ASN A 1 6 ? 0.211  -1.341  -2.168 1.00 1.68  ? 173 ASN A H    1 
ATOM   95  H HA   . ASN A 1 6 ? 0.612  -3.596  -0.731 1.00 2.02  ? 173 ASN A HA   1 
ATOM   96  H HB2  . ASN A 1 6 ? -1.959 -3.134  -1.877 1.00 2.69  ? 173 ASN A HB2  1 
ATOM   97  H HB3  . ASN A 1 6 ? -1.538 -4.457  -1.106 1.00 2.69  ? 173 ASN A HB3  1 
ATOM   98  H HD21 . ASN A 1 6 ? -2.710 -1.260  0.801  1.00 2.81  ? 173 ASN A HD21 1 
ATOM   99  H HD22 . ASN A 1 6 ? -2.412 -1.217  -0.658 1.00 2.81  ? 173 ASN A HD22 1 
ATOM   100 N N    . ASN A 1 7 ? 1.058  -5.024  -2.696 1.00 2.40  ? 174 ASN A N    1 
ATOM   101 C CA   . ASN A 1 7 ? 1.529  -5.805  -3.848 1.00 2.33  ? 174 ASN A CA   1 
ATOM   102 C C    . ASN A 1 7 ? 0.772  -7.136  -3.954 1.00 2.66  ? 174 ASN A C    1 
ATOM   103 O O    . ASN A 1 7 ? 0.692  -7.897  -2.979 1.00 3.08  ? 174 ASN A O    1 
ATOM   104 C CB   . ASN A 1 7 ? 3.046  -6.122  -3.743 1.00 2.58  ? 174 ASN A CB   1 
ATOM   105 C CG   . ASN A 1 7 ? 3.958  -4.861  -3.821 1.00 2.15  ? 174 ASN A CG   1 
ATOM   106 O OD1  . ASN A 1 7 ? 3.819  -4.028  -4.714 1.00 2.62  ? 174 ASN A OD1  1 
ATOM   107 N ND2  . ASN A 1 7 ? 4.925  -4.761  -2.891 1.00 2.69  ? 174 ASN A ND2  1 
ATOM   108 H H    . ASN A 1 7 ? 1.164  -5.444  -1.952 1.00 3.00  ? 174 ASN A H    1 
ATOM   109 H HA   . ASN A 1 7 ? 1.377  -5.300  -4.663 1.00 2.92  ? 174 ASN A HA   1 
ATOM   110 H HB2  . ASN A 1 7 ? 3.216  -6.560  -2.894 1.00 3.22  ? 174 ASN A HB2  1 
ATOM   111 H HB3  . ASN A 1 7 ? 3.293  -6.713  -4.472 1.00 3.22  ? 174 ASN A HB3  1 
ATOM   112 H HD21 . ASN A 1 7 ? 5.456  -4.084  -2.894 1.00 3.35  ? 174 ASN A HD21 1 
ATOM   113 H HD22 . ASN A 1 7 ? 5.000  -5.364  -2.283 1.00 3.35  ? 174 ASN A HD22 1 
ATOM   114 N N    . PHE A 1 8 ? 0.227  -7.423  -5.148 1.00 3.60  ? 175 PHE A N    1 
ATOM   115 C CA   . PHE A 1 8 ? -0.506 -8.660  -5.429 1.00 4.78  ? 175 PHE A CA   1 
ATOM   116 C C    . PHE A 1 8 ? 0.158  -9.376  -6.606 1.00 5.35  ? 175 PHE A C    1 
ATOM   117 O O    . PHE A 1 8 ? 0.071  -8.911  -7.746 1.00 5.73  ? 175 PHE A O    1 
ATOM   118 C CB   . PHE A 1 8 ? -1.972 -8.359  -5.751 1.00 5.04  ? 175 PHE A CB   1 
ATOM   119 C CG   . PHE A 1 8 ? -2.705 -7.647  -4.654 1.00 5.21  ? 175 PHE A CG   1 
ATOM   120 C CD1  . PHE A 1 8 ? -2.661 -6.265  -4.565 1.00 4.96  ? 175 PHE A CD1  1 
ATOM   121 C CD2  . PHE A 1 8 ? -3.427 -8.353  -3.696 1.00 5.95  ? 175 PHE A CD2  1 
ATOM   122 C CE1  . PHE A 1 8 ? -3.320 -5.598  -3.561 1.00 5.97  ? 175 PHE A CE1  1 
ATOM   123 C CE2  . PHE A 1 8 ? -4.105 -7.684  -2.685 1.00 6.69  ? 175 PHE A CE2  1 
ATOM   124 C CZ   . PHE A 1 8 ? -4.046 -6.308  -2.616 1.00 6.65  ? 175 PHE A CZ   1 
ATOM   125 H H    . PHE A 1 8 ? 0.273  -6.898  -5.828 1.00 4.45  ? 175 PHE A H    1 
ATOM   126 H HA   . PHE A 1 8 ? -0.472 -9.242  -4.654 1.00 5.86  ? 175 PHE A HA   1 
ATOM   127 H HB2  . PHE A 1 8 ? -2.009 -7.800  -6.542 1.00 6.17  ? 175 PHE A HB2  1 
ATOM   128 H HB3  . PHE A 1 8 ? -2.433 -9.196  -5.919 1.00 6.17  ? 175 PHE A HB3  1 
ATOM   129 H HD1  . PHE A 1 8 ? -2.177 -5.781  -5.196 1.00 6.07  ? 175 PHE A HD1  1 
ATOM   130 H HD2  . PHE A 1 8 ? -3.468 -9.281  -3.742 1.00 7.26  ? 175 PHE A HD2  1 
ATOM   131 H HE1  . PHE A 1 8 ? -3.284 -4.669  -3.518 1.00 7.28  ? 175 PHE A HE1  1 
ATOM   132 H HE2  . PHE A 1 8 ? -4.586 -8.164  -2.050 1.00 8.15  ? 175 PHE A HE2  1 
ATOM   133 H HZ   . PHE A 1 8 ? -4.494 -5.856  -1.937 1.00 8.11  ? 175 PHE A HZ   1 
ATOM   134 N N    . VAL A 1 9 ? 0.808  -10.505 -6.336 1.00 7.83  ? 176 VAL A N    1 
ATOM   135 C CA   . VAL A 1 9 ? 1.378  -11.329 -7.401 1.00 11.90 ? 176 VAL A CA   1 
ATOM   136 C C    . VAL A 1 9 ? 0.407  -12.455 -7.737 1.00 16.10 ? 176 VAL A C    1 
ATOM   137 O O    . VAL A 1 9 ? 0.158  -13.333 -6.905 1.00 17.26 ? 176 VAL A O    1 
ATOM   138 C CB   . VAL A 1 9 ? 2.756  -11.900 -7.011 1.00 13.48 ? 176 VAL A CB   1 
ATOM   139 C CG1  . VAL A 1 9 ? 3.401  -12.587 -8.204 1.00 13.87 ? 176 VAL A CG1  1 
ATOM   140 C CG2  . VAL A 1 9 ? 3.660  -10.817 -6.462 1.00 14.35 ? 176 VAL A CG2  1 
ATOM   141 O OXT  . VAL A 1 9 ? -0.152 -12.521 -8.835 1.00 17.71 ? 176 VAL A OXT  1 
ATOM   142 H H    . VAL A 1 9 ? 0.932  -10.818 -5.545 1.00 9.52  ? 176 VAL A H    1 
ATOM   143 H HA   . VAL A 1 9 ? 1.491  -10.785 -8.196 1.00 14.40 ? 176 VAL A HA   1 
ATOM   144 H HB   . VAL A 1 9 ? 2.633  -12.565 -6.316 1.00 16.29 ? 176 VAL A HB   1 
ATOM   145 H HG11 . VAL A 1 9 ? 4.264  -12.938 -7.938 1.00 16.77 ? 176 VAL A HG11 1 
ATOM   146 H HG12 . VAL A 1 9 ? 2.826  -13.311 -8.500 1.00 16.77 ? 176 VAL A HG12 1 
ATOM   147 H HG13 . VAL A 1 9 ? 3.512  -11.940 -8.919 1.00 16.77 ? 176 VAL A HG13 1 
ATOM   148 H HG21 . VAL A 1 9 ? 4.515  -11.210 -6.227 1.00 17.35 ? 176 VAL A HG21 1 
ATOM   149 H HG22 . VAL A 1 9 ? 3.783  -10.135 -7.141 1.00 17.35 ? 176 VAL A HG22 1 
ATOM   150 H HG23 . VAL A 1 9 ? 3.246  -10.430 -5.674 1.00 17.35 ? 176 VAL A HG23 1 
HETATM 151 O O    . HOH B 2 . ? 5.623  9.523   6.324  1.00 11.02 ? 201 HOH A O    1 
HETATM 152 O O    . HOH B 2 . ? 5.807  7.119   7.887  1.00 12.16 ? 202 HOH A O    1 
# 
loop_
_atom_site_anisotrop.id 
_atom_site_anisotrop.type_symbol 
_atom_site_anisotrop.pdbx_label_atom_id 
_atom_site_anisotrop.pdbx_label_alt_id 
_atom_site_anisotrop.pdbx_label_comp_id 
_atom_site_anisotrop.pdbx_label_asym_id 
_atom_site_anisotrop.pdbx_label_seq_id 
_atom_site_anisotrop.pdbx_PDB_ins_code 
_atom_site_anisotrop.U[1][1] 
_atom_site_anisotrop.U[2][2] 
_atom_site_anisotrop.U[3][3] 
_atom_site_anisotrop.U[1][2] 
_atom_site_anisotrop.U[1][3] 
_atom_site_anisotrop.U[2][3] 
_atom_site_anisotrop.pdbx_auth_seq_id 
_atom_site_anisotrop.pdbx_auth_comp_id 
_atom_site_anisotrop.pdbx_auth_asym_id 
_atom_site_anisotrop.pdbx_auth_atom_id 
1   N N   . GLN A 1 ? 0.1737 0.0739 0.1418 -0.0094 -0.0193 -0.0390 168 GLN A N   
2   C CA  . GLN A 1 ? 0.1661 0.0787 0.1216 -0.0092 -0.0214 -0.0361 168 GLN A CA  
3   C C   . GLN A 1 ? 0.1346 0.0715 0.0493 -0.0004 -0.0178 -0.0122 168 GLN A C   
4   O O   . GLN A 1 ? 0.1393 0.0721 0.0902 0.0094  -0.0393 -0.0191 168 GLN A O   
5   C CB  . GLN A 1 ? 0.1899 0.0799 0.1696 -0.0093 -0.0349 -0.0449 168 GLN A CB  
6   C CG  . GLN A 1 ? 0.1991 0.0739 0.1771 -0.0099 -0.0391 -0.0383 168 GLN A CG  
7   C CD  . GLN A 1 ? 0.2034 0.0714 0.1637 -0.0127 -0.0458 -0.0269 168 GLN A CD  
8   O OE1 . GLN A 1 ? 0.2091 0.0756 0.1579 -0.0218 -0.0425 -0.0289 168 GLN A OE1 
9   N NE2 . GLN A 1 ? 0.2002 0.0715 0.1816 -0.0025 -0.0575 -0.0280 168 GLN A NE2 
20  N N   . TYR A 2 ? 0.1018 0.0617 0.0335 0.0099  -0.0124 -0.0034 169 TYR A N   
21  C CA  . TYR A 2 ? 0.0739 0.0541 0.0253 0.0174  -0.0101 0.0043  169 TYR A CA  
22  C C   . TYR A 2 ? 0.0649 0.0457 0.0273 0.0209  0.0008  0.0114  169 TYR A C   
23  O O   . TYR A 2 ? 0.0736 0.0463 0.0305 0.0229  0.0032  0.0123  169 TYR A O   
24  C CB  . TYR A 2 ? 0.0688 0.0526 0.0415 0.0207  -0.0131 -0.0020 169 TYR A CB  
25  C CG  . TYR A 2 ? 0.0560 0.0431 0.0336 0.0186  -0.0092 0.0041  169 TYR A CG  
26  C CD1 . TYR A 2 ? 0.0579 0.0526 0.0268 0.0073  0.0030  -0.0041 169 TYR A CD1 
27  C CD2 . TYR A 2 ? 0.0491 0.0511 0.0416 0.0157  -0.0035 -0.0094 169 TYR A CD2 
28  C CE1 . TYR A 2 ? 0.0502 0.0523 0.0240 0.0158  0.0021  -0.0060 169 TYR A CE1 
29  C CE2 . TYR A 2 ? 0.0531 0.0556 0.0170 0.0044  0.0042  -0.0058 169 TYR A CE2 
30  C CZ  . TYR A 2 ? 0.0515 0.0455 0.0168 0.0127  0.0064  -0.0001 169 TYR A CZ  
31  O OH  . TYR A 2 ? 0.0617 0.0493 0.0361 0.0114  0.0127  -0.0093 169 TYR A OH  
41  N N   . ASN A 3 ? 0.0479 0.0443 0.0272 0.0188  0.0001  0.0130  170 ASN A N   
42  C CA  . ASN A 3 ? 0.0480 0.0450 0.0278 0.0171  0.0004  0.0148  170 ASN A CA  
43  C C   . ASN A 3 ? 0.0481 0.0458 0.0239 0.0114  0.0027  0.0154  170 ASN A C   
44  O O   . ASN A 3 ? 0.0690 0.0477 0.0370 0.0093  -0.0063 0.0213  170 ASN A O   
45  C CB  . ASN A 3 ? 0.0633 0.0504 0.0364 0.0118  -0.0092 0.0200  170 ASN A CB  
46  C CG  . ASN A 3 ? 0.1010 0.0534 0.0545 0.0090  -0.0192 0.0191  170 ASN A CG  
47  O OD1 . ASN A 3 ? 0.1103 0.0591 0.0561 0.0042  -0.0152 0.0162  170 ASN A OD1 
48  N ND2 . ASN A 3 ? 0.1242 0.0512 0.0733 0.0075  -0.0316 0.0178  170 ASN A ND2 
55  N N   . ASN A 4 ? 0.0216 0.0432 0.0203 0.0186  0.0086  0.0124  171 ASN A N   
56  C CA  . ASN A 4 ? 0.0175 0.0332 0.0198 0.0153  0.0076  0.0128  171 ASN A CA  
57  C C   . ASN A 4 ? 0.0205 0.0311 0.0159 0.0134  0.0073  0.0130  171 ASN A C   
58  O O   . ASN A 4 ? 0.0305 0.0410 0.0275 0.0196  0.0150  0.0165  171 ASN A O   
59  C CB  . ASN A 4 ? 0.0274 0.0432 0.0281 0.0174  0.0108  0.0154  171 ASN A CB  
60  C CG  . ASN A 4 ? 0.0246 0.0398 0.0215 0.0158  0.0096  0.0169  171 ASN A CG  
61  O OD1 . ASN A 4 ? 0.0230 0.0411 0.0233 0.0152  0.0112  0.0165  171 ASN A OD1 
62  N ND2 . ASN A 4 ? 0.0205 0.0423 0.0283 0.0152  0.0081  0.0204  171 ASN A ND2 
69  N N   . GLN A 5 ? 0.0166 0.0302 0.0150 0.0112  0.0054  0.0096  172 GLN A N   
70  C CA  . GLN A 5 ? 0.0132 0.0269 0.0108 0.0105  0.0029  0.0089  172 GLN A CA  
71  C C   . GLN A 5 ? 0.0141 0.0273 0.0170 0.0033  0.0042  -0.0081 172 GLN A C   
72  O O   . GLN A 5 ? 0.0263 0.0139 0.0234 -0.0067 -0.0060 -0.0048 172 GLN A O   
73  C CB  . GLN A 5 ? 0.0169 0.0294 0.0150 0.0126  0.0052  0.0113  172 GLN A CB  
74  C CG  . GLN A 5 ? 0.0170 0.0296 0.0210 0.0101  0.0076  0.0130  172 GLN A CG  
75  C CD  . GLN A 5 ? 0.0143 0.0303 0.0203 0.0086  0.0089  0.0153  172 GLN A CD  
76  O OE1 . GLN A 5 ? 0.0240 0.0374 0.0278 0.0145  0.0104  0.0164  172 GLN A OE1 
77  N NE2 . GLN A 5 ? 0.0172 0.0393 0.0216 0.0129  0.0072  0.0146  172 GLN A NE2 
86  N N   . ASN A 6 ? 0.0125 0.0244 0.0122 0.0084  0.0041  0.0092  173 ASN A N   
87  C CA  . ASN A 6 ? 0.0153 0.0287 0.0160 0.0103  0.0088  0.0121  173 ASN A CA  
88  C C   . ASN A 6 ? 0.0160 0.0329 0.0147 0.0132  0.0072  0.0095  173 ASN A C   
89  O O   . ASN A 6 ? 0.0259 0.0361 0.0235 0.0124  0.0020  0.0132  173 ASN A O   
90  C CB  . ASN A 6 ? 0.0225 0.0418 0.0171 0.0167  0.0057  0.0142  173 ASN A CB  
91  C CG  . ASN A 6 ? 0.0167 0.0357 0.0180 0.0124  0.0051  0.0136  173 ASN A CG  
92  O OD1 . ASN A 6 ? 0.0225 0.0470 0.0274 0.0132  0.0096  0.0221  173 ASN A OD1 
93  N ND2 . ASN A 6 ? 0.0199 0.0426 0.0225 0.0133  0.0067  0.0170  173 ASN A ND2 
100 N N   . ASN A 7 ? 0.0265 0.0451 0.0194 0.0173  0.0057  0.0113  174 ASN A N   
101 C CA  . ASN A 7 ? 0.0256 0.0441 0.0188 0.0184  0.0069  0.0151  174 ASN A CA  
102 C C   . ASN A 7 ? 0.0346 0.0427 0.0238 0.0176  0.0034  0.0127  174 ASN A C   
103 O O   . ASN A 7 ? 0.0445 0.0445 0.0281 0.0141  0.0014  0.0167  174 ASN A O   
104 C CB  . ASN A 7 ? 0.0266 0.0478 0.0236 0.0179  0.0089  0.0162  174 ASN A CB  
105 C CG  . ASN A 7 ? 0.0208 0.0424 0.0185 0.0142  0.0095  0.0152  174 ASN A CG  
106 O OD1 . ASN A 7 ? 0.0235 0.0505 0.0258 0.0180  0.0114  0.0175  174 ASN A OD1 
107 N ND2 . ASN A 7 ? 0.0265 0.0520 0.0235 0.0151  0.0068  0.0158  174 ASN A ND2 
114 N N   . PHE A 8 ? 0.0589 0.0546 0.0235 0.0180  0.0029  0.0119  175 PHE A N   
115 C CA  . PHE A 8 ? 0.0790 0.0765 0.0262 0.0238  0.0000  0.0055  175 PHE A CA  
116 C C   . PHE A 8 ? 0.1005 0.0715 0.0315 0.0248  0.0082  0.0097  175 PHE A C   
117 O O   . PHE A 8 ? 0.1069 0.0726 0.0380 0.0344  0.0029  0.0111  175 PHE A O   
118 C CB  . PHE A 8 ? 0.0707 0.0899 0.0309 0.0253  0.0063  -0.0056 175 PHE A CB  
119 C CG  . PHE A 8 ? 0.0669 0.0984 0.0327 0.0224  0.0103  -0.0061 175 PHE A CG  
120 C CD1 . PHE A 8 ? 0.0588 0.0987 0.0309 0.0331  -0.0009 -0.0077 175 PHE A CD1 
121 C CD2 . PHE A 8 ? 0.0747 0.0986 0.0529 0.0206  0.0055  -0.0047 175 PHE A CD2 
122 C CE1 . PHE A 8 ? 0.0612 0.1046 0.0610 0.0404  -0.0138 -0.0207 175 PHE A CE1 
123 C CE2 . PHE A 8 ? 0.0815 0.1047 0.0678 0.0234  0.0058  -0.0142 175 PHE A CE2 
124 C CZ  . PHE A 8 ? 0.0833 0.1070 0.0625 0.0344  -0.0077 -0.0195 175 PHE A CZ  
134 N N   . VAL A 9 ? 0.1507 0.0940 0.0527 0.0335  -0.0025 -0.0078 176 VAL A N   
135 C CA  . VAL A 9 ? 0.1994 0.1254 0.1272 0.0232  0.0081  -0.0508 176 VAL A CA  
136 C C   . VAL A 9 ? 0.2455 0.1568 0.2096 0.0260  -0.0159 -0.0957 176 VAL A C   
137 O O   . VAL A 9 ? 0.2621 0.1504 0.2431 0.0273  -0.0269 -0.0979 176 VAL A O   
138 C CB  . VAL A 9 ? 0.2067 0.1375 0.1678 0.0138  0.0276  -0.0697 176 VAL A CB  
139 C CG1 . VAL A 9 ? 0.2135 0.1413 0.1723 0.0083  0.0379  -0.0719 176 VAL A CG1 
140 C CG2 . VAL A 9 ? 0.2010 0.1489 0.1954 0.0128  0.0294  -0.0854 176 VAL A CG2 
141 O OXT . VAL A 9 ? 0.2607 0.1794 0.2327 0.0263  -0.0189 -0.1179 176 VAL A OXT 
151 O O   . HOH B . ? 0.1198 0.0992 0.1999 -0.0071 0.0155  -0.0737 201 HOH A O   
152 O O   . HOH B . ? 0.1465 0.1262 0.1891 0.0671  0.0498  0.0454  202 HOH A O   
# 
